data_7KCC
#
_entry.id   7KCC
#
_cell.length_a   68.148
_cell.length_b   94.055
_cell.length_c   116.898
_cell.angle_alpha   90.000
_cell.angle_beta   90.000
_cell.angle_gamma   90.000
#
_symmetry.space_group_name_H-M   'I 2 2 2'
#
loop_
_entity.id
_entity.type
_entity.pdbx_description
1 polymer 'S-adenosylmethionine synthase isoform type-2'
2 non-polymer 'CHLORIDE ION'
3 non-polymer 1,2-ETHANEDIOL
4 non-polymer S-ADENOSYLMETHIONINE
5 non-polymer 3-(cyclohex-1-en-1-yl)-6-(4-methoxyphenyl)-2-phenyl-5-[(pyridin-2-yl)amino]pyrazolo[1,5-a]pyrimidin-7(4H)-one
6 water water
#
_entity_poly.entity_id   1
_entity_poly.type   'polypeptide(L)'
_entity_poly.pdbx_seq_one_letter_code
;SMNGQLNGFHEAFIEEGTFLFTSESVGEGHPDKICDQISDAVLDAHLQQDPDAKVACETVAKTGMILLAGEITSRAAVDY
QKVVREAVKHIGYDDSSKGFDYKTCNVLVALEQQSPDIAQGVHLDRNEEDIGAGDQGLMFGYATDETEECMPLTIVLAHK
LNAKLAELRRNGTLPWLRPDSKTQVTVQYMQDRGAVLPIRVHTIVISVQHDEEVCLDEMRDALKEKVIKAVVPAKYLDED
TIYHLQPSGRFVIGGPQGDAGLTGRKIIVDTYGGWGAHGGGAFSGKDYTKVDRSAAYAARWVAKSLVKGGLCRRVLVQVS
YAIGVSHPLSISIFHYGTSQKSERELLEIVKKNFDLRPGVIVRDLDLKKPIYQRTAAYGHFGRDSFPWEVPKKLKY
;
_entity_poly.pdbx_strand_id   A
#
loop_
_chem_comp.id
_chem_comp.type
_chem_comp.name
_chem_comp.formula
CL non-polymer 'CHLORIDE ION' 'Cl -1'
EDO non-polymer 1,2-ETHANEDIOL 'C2 H6 O2'
SAM non-polymer S-ADENOSYLMETHIONINE 'C15 H22 N6 O5 S'
WBG non-polymer 3-(cyclohex-1-en-1-yl)-6-(4-methoxyphenyl)-2-phenyl-5-[(pyridin-2-yl)amino]pyrazolo[1,5-a]pyrimidin-7(4H)-one 'C30 H27 N5 O2'
#
# COMPACT_ATOMS: atom_id res chain seq x y z
N GLU A 15 18.88 -13.90 -22.02
CA GLU A 15 18.64 -15.20 -22.64
C GLU A 15 17.17 -15.27 -23.05
N GLU A 16 16.88 -16.05 -24.09
CA GLU A 16 15.49 -16.23 -24.49
C GLU A 16 14.69 -16.80 -23.32
N GLY A 17 13.44 -16.38 -23.22
CA GLY A 17 12.62 -16.71 -22.09
C GLY A 17 12.89 -15.88 -20.86
N THR A 18 13.75 -14.86 -20.96
CA THR A 18 13.96 -13.94 -19.86
C THR A 18 13.52 -12.53 -20.23
N PHE A 19 13.31 -11.73 -19.19
CA PHE A 19 12.83 -10.37 -19.39
C PHE A 19 13.17 -9.56 -18.16
N LEU A 20 13.19 -8.24 -18.35
CA LEU A 20 13.35 -7.30 -17.26
C LEU A 20 11.99 -6.79 -16.79
N PHE A 21 11.86 -6.57 -15.49
CA PHE A 21 10.67 -5.96 -14.95
C PHE A 21 11.07 -5.03 -13.81
N THR A 22 10.46 -3.85 -13.79
CA THR A 22 10.76 -2.80 -12.83
C THR A 22 9.59 -2.49 -11.93
N SER A 23 9.87 -2.30 -10.63
CA SER A 23 8.90 -1.73 -9.71
C SER A 23 9.56 -0.63 -8.90
N GLU A 24 8.74 0.26 -8.32
CA GLU A 24 9.25 1.33 -7.48
C GLU A 24 8.56 1.33 -6.12
N SER A 25 9.18 2.03 -5.18
CA SER A 25 8.56 2.31 -3.90
C SER A 25 8.99 3.70 -3.46
N VAL A 26 8.33 4.21 -2.43
CA VAL A 26 8.66 5.51 -1.88
C VAL A 26 8.70 5.46 -0.35
N GLY A 27 9.40 6.42 0.23
CA GLY A 27 9.54 6.48 1.67
C GLY A 27 8.40 7.17 2.38
N GLU A 28 8.49 7.15 3.72
CA GLU A 28 7.44 7.69 4.57
C GLU A 28 7.25 9.19 4.38
N GLY A 29 8.30 9.90 3.98
CA GLY A 29 8.24 11.33 3.80
C GLY A 29 8.03 11.75 2.38
N HIS A 30 7.82 10.80 1.48
CA HIS A 30 7.41 11.15 0.13
C HIS A 30 6.06 11.87 0.24
N PRO A 31 5.86 13.01 -0.44
CA PRO A 31 4.64 13.80 -0.15
C PRO A 31 3.32 13.07 -0.37
N ASP A 32 3.22 12.22 -1.39
CA ASP A 32 2.00 11.45 -1.56
C ASP A 32 1.80 10.48 -0.40
N LYS A 33 2.88 9.84 0.05
CA LYS A 33 2.78 8.91 1.17
C LYS A 33 2.49 9.62 2.48
N ILE A 34 2.99 10.85 2.64
CA ILE A 34 2.60 11.66 3.81
C ILE A 34 1.07 11.73 3.86
N CYS A 35 0.45 12.01 2.71
CA CYS A 35 -1.00 12.17 2.64
C CYS A 35 -1.72 10.86 2.96
N ASP A 36 -1.22 9.74 2.43
CA ASP A 36 -1.84 8.46 2.74
C ASP A 36 -1.78 8.20 4.24
N GLN A 37 -0.63 8.45 4.87
CA GLN A 37 -0.48 8.21 6.30
C GLN A 37 -1.37 9.13 7.13
N ILE A 38 -1.50 10.40 6.73
CA ILE A 38 -2.38 11.31 7.47
C ILE A 38 -3.83 10.88 7.32
N SER A 39 -4.24 10.55 6.09
CA SER A 39 -5.60 10.09 5.86
C SER A 39 -5.93 8.88 6.74
N ASP A 40 -4.99 7.96 6.89
CA ASP A 40 -5.24 6.79 7.71
C ASP A 40 -5.10 7.06 9.20
N ALA A 41 -4.28 8.05 9.59
CA ALA A 41 -4.28 8.49 10.98
C ALA A 41 -5.64 9.08 11.34
N VAL A 42 -6.25 9.82 10.43
CA VAL A 42 -7.58 10.37 10.67
C VAL A 42 -8.60 9.24 10.79
N LEU A 43 -8.56 8.27 9.87
CA LEU A 43 -9.44 7.12 9.96
C LEU A 43 -9.30 6.40 11.29
N ASP A 44 -8.06 6.10 11.69
CA ASP A 44 -7.82 5.39 12.93
C ASP A 44 -8.36 6.18 14.11
N ALA A 45 -8.16 7.49 14.12
CA ALA A 45 -8.64 8.31 15.23
C ALA A 45 -10.15 8.21 15.37
N HIS A 46 -10.87 8.24 14.25
CA HIS A 46 -12.31 8.04 14.31
C HIS A 46 -12.67 6.64 14.81
N LEU A 47 -12.01 5.60 14.26
CA LEU A 47 -12.38 4.23 14.62
C LEU A 47 -12.10 3.92 16.10
N GLN A 48 -11.10 4.57 16.70
CA GLN A 48 -10.82 4.38 18.11
CA GLN A 48 -10.82 4.37 18.11
C GLN A 48 -12.02 4.71 18.97
N GLN A 49 -12.84 5.67 18.55
CA GLN A 49 -14.01 6.08 19.31
C GLN A 49 -15.33 5.59 18.74
N ASP A 50 -15.41 5.40 17.42
CA ASP A 50 -16.65 5.00 16.75
C ASP A 50 -16.28 3.94 15.72
N PRO A 51 -16.39 2.66 16.05
CA PRO A 51 -16.03 1.61 15.09
C PRO A 51 -16.82 1.66 13.80
N ASP A 52 -17.97 2.33 13.78
CA ASP A 52 -18.82 2.42 12.61
C ASP A 52 -18.70 3.74 11.88
N ALA A 53 -17.65 4.50 12.16
CA ALA A 53 -17.46 5.77 11.47
C ALA A 53 -17.40 5.57 9.96
N LYS A 54 -18.03 6.50 9.23
CA LYS A 54 -17.97 6.55 7.79
C LYS A 54 -16.97 7.62 7.44
N VAL A 55 -15.86 7.22 6.84
CA VAL A 55 -14.70 8.08 6.62
C VAL A 55 -14.27 8.00 5.16
N ALA A 56 -14.10 9.18 4.55
CA ALA A 56 -13.58 9.33 3.19
C ALA A 56 -12.70 10.58 3.23
N CYS A 57 -11.50 10.43 3.79
CA CYS A 57 -10.63 11.57 4.09
C CYS A 57 -9.47 11.63 3.11
N GLU A 58 -9.48 12.66 2.26
CA GLU A 58 -8.38 12.96 1.36
C GLU A 58 -7.48 14.00 2.03
N THR A 59 -6.17 13.88 1.80
CA THR A 59 -5.18 14.82 2.30
C THR A 59 -4.41 15.36 1.10
N VAL A 60 -4.12 16.65 1.15
CA VAL A 60 -3.30 17.35 0.17
C VAL A 60 -2.17 18.03 0.92
N ALA A 61 -0.96 17.93 0.40
CA ALA A 61 0.21 18.54 1.05
C ALA A 61 0.98 19.37 0.04
N LYS A 62 1.31 20.58 0.44
CA LYS A 62 2.21 21.45 -0.33
C LYS A 62 3.00 22.23 0.71
N THR A 63 3.93 23.05 0.27
CA THR A 63 4.76 23.83 1.18
C THR A 63 3.93 24.40 2.33
N GLY A 64 4.28 24.02 3.54
CA GLY A 64 3.65 24.55 4.71
C GLY A 64 2.21 24.19 4.97
N MET A 65 1.61 23.29 4.20
CA MET A 65 0.17 23.05 4.28
C MET A 65 -0.16 21.57 4.26
N ILE A 66 -1.02 21.17 5.19
CA ILE A 66 -1.81 19.96 5.09
C ILE A 66 -3.27 20.36 5.04
N LEU A 67 -3.97 19.97 3.98
CA LEU A 67 -5.40 20.17 3.84
C LEU A 67 -6.11 18.83 3.90
N LEU A 68 -7.12 18.71 4.76
CA LEU A 68 -8.01 17.56 4.77
C LEU A 68 -9.29 17.93 4.03
N ALA A 69 -9.70 17.11 3.07
CA ALA A 69 -10.91 17.35 2.30
C ALA A 69 -11.65 16.03 2.17
N GLY A 70 -12.96 16.07 2.32
CA GLY A 70 -13.71 14.85 2.20
C GLY A 70 -14.91 14.84 3.12
N GLU A 71 -15.34 13.62 3.45
CA GLU A 71 -16.63 13.37 4.06
C GLU A 71 -16.47 12.38 5.20
N ILE A 72 -16.89 12.81 6.39
CA ILE A 72 -16.84 11.97 7.59
C ILE A 72 -18.15 12.12 8.35
N THR A 73 -18.81 11.00 8.65
CA THR A 73 -19.93 10.95 9.59
C THR A 73 -19.57 9.98 10.70
N SER A 74 -19.49 10.50 11.92
CA SER A 74 -18.90 9.75 13.02
C SER A 74 -19.35 10.36 14.33
N ARG A 75 -19.48 9.52 15.34
CA ARG A 75 -19.75 9.95 16.70
C ARG A 75 -18.48 10.38 17.45
N ALA A 76 -17.31 10.21 16.83
CA ALA A 76 -16.06 10.54 17.49
C ALA A 76 -15.88 12.05 17.59
N ALA A 77 -15.13 12.47 18.60
CA ALA A 77 -14.64 13.85 18.71
C ALA A 77 -13.14 13.80 18.44
N VAL A 78 -12.72 14.25 17.27
CA VAL A 78 -11.34 14.12 16.80
C VAL A 78 -10.70 15.50 16.71
N ASP A 79 -9.50 15.64 17.27
CA ASP A 79 -8.72 16.87 17.21
C ASP A 79 -7.82 16.75 15.99
N TYR A 80 -8.29 17.30 14.85
CA TYR A 80 -7.56 17.13 13.59
C TYR A 80 -6.18 17.77 13.64
N GLN A 81 -6.04 18.91 14.33
CA GLN A 81 -4.73 19.53 14.46
C GLN A 81 -3.74 18.57 15.08
N LYS A 82 -4.14 17.93 16.18
CA LYS A 82 -3.25 17.03 16.89
C LYS A 82 -2.95 15.78 16.07
N VAL A 83 -3.99 15.19 15.47
CA VAL A 83 -3.79 13.95 14.71
C VAL A 83 -2.86 14.19 13.53
N VAL A 84 -3.09 15.27 12.78
CA VAL A 84 -2.25 15.56 11.62
C VAL A 84 -0.83 15.82 12.06
N ARG A 85 -0.66 16.67 13.07
CA ARG A 85 0.70 17.07 13.45
C ARG A 85 1.47 15.90 14.03
N GLU A 86 0.81 15.03 14.80
CA GLU A 86 1.51 13.86 15.33
CA GLU A 86 1.49 13.84 15.32
C GLU A 86 1.95 12.92 14.20
N ALA A 87 1.14 12.79 13.15
CA ALA A 87 1.56 11.94 12.03
C ALA A 87 2.80 12.49 11.33
N VAL A 88 2.82 13.81 11.11
CA VAL A 88 3.97 14.44 10.47
C VAL A 88 5.21 14.35 11.36
N LYS A 89 5.02 14.49 12.68
CA LYS A 89 6.13 14.31 13.61
C LYS A 89 6.74 12.92 13.48
N HIS A 90 5.88 11.89 13.42
CA HIS A 90 6.35 10.51 13.33
C HIS A 90 7.18 10.30 12.07
N ILE A 91 6.75 10.90 10.96
CA ILE A 91 7.45 10.77 9.69
C ILE A 91 8.83 11.40 9.76
N GLY A 92 8.98 12.47 10.54
CA GLY A 92 10.26 13.08 10.75
C GLY A 92 10.40 14.52 10.31
N TYR A 93 9.32 15.15 9.86
CA TYR A 93 9.38 16.55 9.42
C TYR A 93 9.13 17.45 10.62
N ASP A 94 10.24 17.86 11.26
CA ASP A 94 10.20 18.55 12.55
C ASP A 94 11.05 19.82 12.57
N ASP A 95 11.36 20.41 11.42
CA ASP A 95 12.15 21.62 11.44
C ASP A 95 12.13 22.29 10.08
N SER A 96 12.12 23.62 10.07
CA SER A 96 12.11 24.33 8.80
C SER A 96 13.34 24.00 7.95
N SER A 97 14.47 23.59 8.57
CA SER A 97 15.65 23.21 7.80
C SER A 97 15.38 22.00 6.91
N LYS A 98 14.42 21.17 7.27
CA LYS A 98 14.07 19.98 6.50
C LYS A 98 13.00 20.25 5.46
N GLY A 99 12.44 21.45 5.44
CA GLY A 99 11.45 21.84 4.47
C GLY A 99 10.02 21.77 4.96
N PHE A 100 9.78 21.22 6.14
CA PHE A 100 8.43 21.05 6.67
C PHE A 100 8.56 20.77 8.15
N ASP A 101 7.62 21.30 8.94
CA ASP A 101 7.67 21.16 10.40
C ASP A 101 6.27 20.98 10.94
N TYR A 102 6.03 19.82 11.58
CA TYR A 102 4.72 19.57 12.18
C TYR A 102 4.32 20.64 13.19
N LYS A 103 5.29 21.29 13.83
CA LYS A 103 4.96 22.24 14.89
C LYS A 103 4.32 23.50 14.33
N THR A 104 4.68 23.85 13.08
CA THR A 104 4.40 25.19 12.59
C THR A 104 3.73 25.23 11.24
N CYS A 105 3.42 24.09 10.65
CA CYS A 105 2.69 24.08 9.38
C CYS A 105 1.24 24.48 9.58
N ASN A 106 0.60 24.81 8.47
CA ASN A 106 -0.82 25.09 8.41
C ASN A 106 -1.58 23.79 8.24
N VAL A 107 -2.60 23.59 9.07
CA VAL A 107 -3.53 22.48 8.91
C VAL A 107 -4.91 23.08 8.67
N LEU A 108 -5.44 22.84 7.47
CA LEU A 108 -6.72 23.36 7.03
C LEU A 108 -7.68 22.19 6.88
N VAL A 109 -8.93 22.38 7.27
CA VAL A 109 -9.92 21.30 7.27
C VAL A 109 -11.15 21.70 6.45
N ALA A 110 -11.48 20.89 5.42
CA ALA A 110 -12.67 21.06 4.59
C ALA A 110 -13.42 19.73 4.58
N LEU A 111 -13.95 19.37 5.73
CA LEU A 111 -14.61 18.09 5.93
C LEU A 111 -16.07 18.34 6.20
N GLU A 112 -16.92 17.59 5.51
CA GLU A 112 -18.35 17.66 5.71
CA GLU A 112 -18.36 17.63 5.61
C GLU A 112 -18.85 16.26 6.02
N GLN A 113 -20.14 16.17 6.35
CA GLN A 113 -20.76 14.87 6.57
C GLN A 113 -20.79 14.07 5.26
N GLN A 114 -20.87 12.73 5.39
CA GLN A 114 -21.16 11.91 4.21
C GLN A 114 -22.49 12.33 3.59
N SER A 115 -22.52 12.34 2.27
CA SER A 115 -23.74 12.68 1.56
C SER A 115 -24.90 11.82 2.06
N PRO A 116 -26.03 12.42 2.45
N PRO A 116 -26.04 12.43 2.39
CA PRO A 116 -27.15 11.58 2.87
CA PRO A 116 -27.20 11.64 2.84
C PRO A 116 -27.68 10.69 1.75
C PRO A 116 -27.71 10.73 1.75
N ASP A 117 -27.47 11.08 0.49
CA ASP A 117 -27.94 10.23 -0.60
C ASP A 117 -27.10 8.98 -0.69
N ILE A 118 -25.80 9.09 -0.43
CA ILE A 118 -24.97 7.89 -0.35
C ILE A 118 -25.38 7.06 0.85
N ALA A 119 -25.50 7.70 2.01
CA ALA A 119 -25.80 6.96 3.22
C ALA A 119 -27.08 6.13 3.08
N GLN A 120 -28.15 6.74 2.54
CA GLN A 120 -29.41 6.03 2.40
C GLN A 120 -29.30 4.86 1.43
N GLY A 121 -28.45 4.97 0.41
CA GLY A 121 -28.34 3.92 -0.59
C GLY A 121 -27.40 2.80 -0.21
N VAL A 122 -26.54 3.03 0.76
CA VAL A 122 -25.47 2.11 1.12
C VAL A 122 -25.75 1.38 2.43
N HIS A 123 -26.03 2.12 3.50
CA HIS A 123 -25.99 1.50 4.82
C HIS A 123 -27.14 1.86 5.74
N LEU A 124 -27.90 2.93 5.51
CA LEU A 124 -29.00 3.30 6.39
CA LEU A 124 -28.94 3.25 6.46
C LEU A 124 -30.04 2.19 6.44
N ASP A 125 -30.46 1.78 7.63
CA ASP A 125 -31.49 0.78 7.83
C ASP A 125 -31.15 -0.54 7.13
N ARG A 126 -29.88 -0.91 7.07
CA ARG A 126 -29.46 -2.19 6.52
C ARG A 126 -28.79 -3.05 7.58
N ASN A 127 -29.11 -4.33 7.56
CA ASN A 127 -28.39 -5.30 8.38
C ASN A 127 -26.93 -5.26 7.99
N GLU A 128 -26.04 -5.34 8.99
CA GLU A 128 -24.62 -5.13 8.68
C GLU A 128 -24.13 -6.09 7.60
N GLU A 129 -24.45 -7.38 7.72
CA GLU A 129 -23.97 -8.32 6.72
C GLU A 129 -24.47 -7.98 5.31
N ASP A 130 -25.59 -7.26 5.22
CA ASP A 130 -26.24 -6.91 3.95
C ASP A 130 -26.06 -5.46 3.55
N ILE A 131 -25.09 -4.77 4.15
CA ILE A 131 -24.78 -3.41 3.71
CA ILE A 131 -24.77 -3.41 3.72
C ILE A 131 -24.35 -3.42 2.26
N GLY A 132 -24.73 -2.39 1.53
CA GLY A 132 -24.30 -2.31 0.15
C GLY A 132 -22.85 -1.89 0.02
N ALA A 133 -22.24 -2.20 -1.11
CA ALA A 133 -20.94 -1.63 -1.41
C ALA A 133 -21.04 -0.11 -1.35
N GLY A 134 -20.00 0.54 -0.85
CA GLY A 134 -20.02 1.99 -0.75
C GLY A 134 -19.82 2.74 -2.05
N ASP A 135 -19.49 2.01 -3.12
CA ASP A 135 -19.30 2.57 -4.45
C ASP A 135 -19.34 1.40 -5.41
N GLN A 136 -19.48 1.71 -6.70
CA GLN A 136 -19.12 0.71 -7.68
C GLN A 136 -17.60 0.60 -7.76
N GLY A 137 -17.13 -0.36 -8.52
CA GLY A 137 -15.71 -0.43 -8.84
C GLY A 137 -15.25 -1.86 -9.05
N LEU A 138 -14.00 -1.97 -9.47
CA LEU A 138 -13.34 -3.26 -9.69
C LEU A 138 -12.08 -3.27 -8.85
N MET A 139 -11.71 -4.46 -8.39
CA MET A 139 -10.55 -4.63 -7.51
C MET A 139 -9.90 -5.96 -7.85
N PHE A 140 -8.58 -6.02 -7.68
CA PHE A 140 -7.86 -7.25 -7.92
C PHE A 140 -7.05 -7.66 -6.71
N GLY A 141 -6.83 -8.97 -6.59
CA GLY A 141 -5.88 -9.54 -5.65
C GLY A 141 -4.89 -10.42 -6.40
N TYR A 142 -3.66 -10.41 -5.95
CA TYR A 142 -2.59 -11.13 -6.63
C TYR A 142 -1.72 -11.81 -5.59
N ALA A 143 -1.19 -12.97 -5.97
CA ALA A 143 -0.16 -13.64 -5.19
C ALA A 143 0.77 -14.38 -6.13
N THR A 144 2.03 -14.45 -5.74
CA THR A 144 3.08 -15.10 -6.50
C THR A 144 4.00 -15.84 -5.53
N ASP A 145 4.36 -17.08 -5.87
CA ASP A 145 5.20 -17.91 -4.99
C ASP A 145 6.67 -17.55 -5.06
N GLU A 146 7.04 -16.45 -5.70
CA GLU A 146 8.46 -16.17 -5.88
C GLU A 146 9.13 -15.73 -4.59
N THR A 147 8.37 -15.31 -3.57
CA THR A 147 8.86 -15.03 -2.23
C THR A 147 7.94 -15.70 -1.22
N GLU A 148 8.46 -15.91 0.01
CA GLU A 148 7.65 -16.57 1.03
C GLU A 148 6.36 -15.81 1.30
N GLU A 149 6.44 -14.48 1.31
CA GLU A 149 5.27 -13.65 1.59
C GLU A 149 4.37 -13.48 0.39
N CYS A 150 4.67 -14.18 -0.70
CA CYS A 150 3.79 -14.27 -1.86
C CYS A 150 3.69 -12.96 -2.62
N MET A 151 4.78 -12.21 -2.66
CA MET A 151 4.87 -10.93 -3.33
C MET A 151 5.96 -10.93 -4.40
N PRO A 152 5.87 -10.03 -5.37
CA PRO A 152 6.96 -9.91 -6.35
C PRO A 152 8.23 -9.41 -5.68
N LEU A 153 9.36 -9.98 -6.12
CA LEU A 153 10.64 -9.57 -5.57
C LEU A 153 10.95 -8.10 -5.85
N THR A 154 10.59 -7.60 -7.04
CA THR A 154 10.89 -6.22 -7.38
C THR A 154 10.32 -5.25 -6.36
N ILE A 155 9.05 -5.41 -6.00
CA ILE A 155 8.41 -4.46 -5.08
C ILE A 155 8.89 -4.68 -3.65
N VAL A 156 9.12 -5.94 -3.24
CA VAL A 156 9.64 -6.19 -1.90
C VAL A 156 10.98 -5.49 -1.70
N LEU A 157 11.89 -5.66 -2.66
CA LEU A 157 13.20 -5.02 -2.55
C LEU A 157 13.08 -3.51 -2.55
N ALA A 158 12.22 -2.97 -3.40
CA ALA A 158 12.06 -1.52 -3.45
C ALA A 158 11.57 -0.97 -2.11
N HIS A 159 10.58 -1.62 -1.50
CA HIS A 159 10.10 -1.19 -0.20
C HIS A 159 11.20 -1.28 0.84
N LYS A 160 11.94 -2.40 0.84
CA LYS A 160 12.97 -2.59 1.87
C LYS A 160 14.07 -1.55 1.75
N LEU A 161 14.39 -1.09 0.55
CA LEU A 161 15.37 -0.02 0.41
C LEU A 161 14.90 1.26 1.09
N ASN A 162 13.62 1.62 0.93
CA ASN A 162 13.11 2.81 1.63
C ASN A 162 13.08 2.61 3.13
N ALA A 163 12.72 1.42 3.59
CA ALA A 163 12.72 1.17 5.02
C ALA A 163 14.12 1.29 5.61
N LYS A 164 15.13 0.83 4.88
CA LYS A 164 16.49 0.94 5.34
C LYS A 164 16.92 2.38 5.45
N LEU A 165 16.55 3.21 4.48
CA LEU A 165 16.86 4.63 4.58
C LEU A 165 16.26 5.21 5.85
N ALA A 166 14.99 4.91 6.12
CA ALA A 166 14.38 5.47 7.32
C ALA A 166 15.06 4.96 8.58
N GLU A 167 15.47 3.69 8.59
CA GLU A 167 16.16 3.12 9.74
C GLU A 167 17.46 3.87 10.01
N LEU A 168 18.24 4.14 8.96
CA LEU A 168 19.55 4.76 9.12
C LEU A 168 19.42 6.25 9.42
N ARG A 169 18.32 6.85 8.96
CA ARG A 169 18.01 8.22 9.38
C ARG A 169 17.66 8.26 10.86
N ARG A 170 16.78 7.38 11.31
CA ARG A 170 16.30 7.44 12.69
C ARG A 170 17.37 7.03 13.69
N ASN A 171 18.29 6.14 13.30
CA ASN A 171 19.33 5.71 14.24
C ASN A 171 20.56 6.61 14.22
N GLY A 172 20.57 7.64 13.38
CA GLY A 172 21.65 8.60 13.38
C GLY A 172 22.90 8.20 12.63
N THR A 173 22.93 7.07 11.95
N THR A 173 22.89 7.00 12.02
CA THR A 173 24.19 6.74 11.30
CA THR A 173 24.04 6.56 11.21
C THR A 173 24.34 7.41 9.93
C THR A 173 24.31 7.54 10.08
N LEU A 174 23.26 7.90 9.33
CA LEU A 174 23.34 8.77 8.15
C LEU A 174 22.50 10.01 8.46
N PRO A 175 23.02 10.92 9.29
CA PRO A 175 22.17 12.01 9.78
C PRO A 175 21.86 13.07 8.74
N TRP A 176 22.51 13.03 7.58
CA TRP A 176 22.18 13.89 6.45
C TRP A 176 20.92 13.47 5.72
N LEU A 177 20.36 12.29 6.01
CA LEU A 177 19.14 11.86 5.34
C LEU A 177 17.94 12.67 5.82
N ARG A 178 17.01 12.86 4.91
CA ARG A 178 15.72 13.44 5.23
CA ARG A 178 15.71 13.44 5.23
C ARG A 178 14.62 12.44 4.86
N PRO A 179 13.36 12.71 5.20
CA PRO A 179 12.34 11.65 5.08
C PRO A 179 11.86 11.30 3.67
N ASP A 180 12.02 12.19 2.69
CA ASP A 180 11.48 11.98 1.34
C ASP A 180 12.43 11.12 0.53
N SER A 181 11.97 9.97 0.04
CA SER A 181 12.83 9.09 -0.75
C SER A 181 12.00 8.33 -1.77
N LYS A 182 12.68 7.87 -2.82
CA LYS A 182 12.12 6.98 -3.82
C LYS A 182 13.19 5.97 -4.23
N THR A 183 12.74 4.75 -4.53
CA THR A 183 13.63 3.70 -4.98
C THR A 183 12.99 2.98 -6.15
N GLN A 184 13.81 2.27 -6.91
CA GLN A 184 13.29 1.53 -8.05
C GLN A 184 14.23 0.37 -8.33
N VAL A 185 13.65 -0.80 -8.58
CA VAL A 185 14.43 -2.02 -8.76
C VAL A 185 13.97 -2.73 -10.02
N THR A 186 14.93 -3.02 -10.91
CA THR A 186 14.71 -3.79 -12.13
C THR A 186 15.33 -5.15 -11.92
N VAL A 187 14.54 -6.21 -12.07
CA VAL A 187 14.98 -7.59 -11.92
C VAL A 187 14.86 -8.29 -13.27
N GLN A 188 15.85 -9.11 -13.60
CA GLN A 188 15.75 -10.05 -14.71
C GLN A 188 15.09 -11.32 -14.22
N TYR A 189 14.03 -11.73 -14.90
CA TYR A 189 13.24 -12.89 -14.57
C TYR A 189 13.34 -13.94 -15.67
N MET A 190 13.10 -15.18 -15.30
CA MET A 190 12.88 -16.24 -16.27
C MET A 190 11.51 -16.87 -16.03
N GLN A 191 10.98 -17.44 -17.09
CA GLN A 191 9.72 -18.16 -17.02
C GLN A 191 9.90 -19.51 -16.33
N ASP A 192 8.85 -19.94 -15.62
CA ASP A 192 8.85 -21.26 -15.04
C ASP A 192 7.41 -21.77 -14.98
N ARG A 193 6.93 -22.30 -16.10
CA ARG A 193 5.64 -22.99 -16.13
C ARG A 193 4.50 -22.12 -15.64
N GLY A 194 4.48 -20.87 -16.13
CA GLY A 194 3.46 -19.91 -15.80
C GLY A 194 3.85 -18.99 -14.67
N ALA A 195 4.73 -19.45 -13.79
CA ALA A 195 5.30 -18.67 -12.71
C ALA A 195 6.51 -17.90 -13.22
N VAL A 196 7.04 -17.04 -12.39
CA VAL A 196 8.22 -16.26 -12.74
C VAL A 196 9.27 -16.47 -11.67
N LEU A 197 10.54 -16.52 -12.10
CA LEU A 197 11.65 -16.80 -11.21
CA LEU A 197 11.65 -16.79 -11.21
C LEU A 197 12.67 -15.67 -11.33
N PRO A 198 12.95 -14.92 -10.25
CA PRO A 198 13.96 -13.86 -10.33
C PRO A 198 15.36 -14.44 -10.46
N ILE A 199 16.19 -13.83 -11.33
CA ILE A 199 17.56 -14.25 -11.60
CA ILE A 199 17.55 -14.27 -11.56
C ILE A 199 18.57 -13.29 -10.97
N ARG A 200 18.43 -12.00 -11.25
CA ARG A 200 19.43 -11.03 -10.83
C ARG A 200 18.80 -9.64 -10.85
N VAL A 201 19.43 -8.75 -10.11
CA VAL A 201 19.06 -7.34 -10.12
C VAL A 201 19.87 -6.64 -11.21
N HIS A 202 19.16 -6.05 -12.15
CA HIS A 202 19.74 -5.39 -13.32
C HIS A 202 20.06 -3.93 -13.04
N THR A 203 19.15 -3.19 -12.39
CA THR A 203 19.33 -1.77 -12.13
C THR A 203 18.64 -1.42 -10.82
N ILE A 204 19.27 -0.54 -10.05
CA ILE A 204 18.68 0.06 -8.85
C ILE A 204 18.79 1.57 -8.95
N VAL A 205 17.69 2.26 -8.64
CA VAL A 205 17.66 3.71 -8.46
C VAL A 205 17.36 4.00 -7.00
N ILE A 206 18.08 4.94 -6.41
CA ILE A 206 17.73 5.54 -5.13
C ILE A 206 17.87 7.05 -5.22
N SER A 207 16.82 7.78 -4.88
CA SER A 207 16.86 9.21 -4.70
C SER A 207 16.34 9.53 -3.30
N VAL A 208 17.10 10.30 -2.55
CA VAL A 208 16.67 10.64 -1.19
C VAL A 208 17.07 12.07 -0.84
N GLN A 209 16.14 12.77 -0.20
CA GLN A 209 16.37 14.13 0.23
C GLN A 209 17.50 14.16 1.27
N HIS A 210 18.30 15.22 1.23
CA HIS A 210 19.50 15.29 2.05
C HIS A 210 19.78 16.71 2.50
N ASP A 211 20.67 16.83 3.49
CA ASP A 211 21.03 18.15 3.97
C ASP A 211 22.00 18.87 3.01
N GLU A 212 22.19 20.16 3.28
CA GLU A 212 22.95 21.03 2.42
C GLU A 212 24.44 20.76 2.50
N GLU A 213 24.91 20.03 3.50
CA GLU A 213 26.35 19.92 3.70
C GLU A 213 26.98 18.70 3.05
N VAL A 214 26.27 17.57 2.97
CA VAL A 214 26.88 16.32 2.52
C VAL A 214 27.10 16.37 1.01
N CYS A 215 28.21 15.80 0.56
CA CYS A 215 28.51 15.83 -0.86
C CYS A 215 28.01 14.57 -1.58
N LEU A 216 27.91 14.70 -2.91
CA LEU A 216 27.37 13.63 -3.72
C LEU A 216 28.14 12.33 -3.55
N ASP A 217 29.48 12.39 -3.50
CA ASP A 217 30.26 11.15 -3.44
C ASP A 217 30.06 10.43 -2.12
N GLU A 218 29.98 11.18 -1.03
CA GLU A 218 29.67 10.56 0.26
C GLU A 218 28.30 9.89 0.22
N MET A 219 27.31 10.56 -0.37
CA MET A 219 25.98 9.95 -0.45
C MET A 219 25.98 8.70 -1.30
N ARG A 220 26.62 8.75 -2.47
N ARG A 220 26.63 8.74 -2.47
CA ARG A 220 26.57 7.59 -3.35
CA ARG A 220 26.56 7.59 -3.36
C ARG A 220 27.26 6.39 -2.74
C ARG A 220 27.27 6.39 -2.76
N ASP A 221 28.40 6.62 -2.09
CA ASP A 221 29.09 5.52 -1.41
C ASP A 221 28.22 4.92 -0.31
N ALA A 222 27.60 5.76 0.51
CA ALA A 222 26.75 5.26 1.57
C ALA A 222 25.55 4.52 1.03
N LEU A 223 24.93 5.04 -0.02
CA LEU A 223 23.74 4.37 -0.56
C LEU A 223 24.10 2.98 -1.08
N LYS A 224 25.28 2.82 -1.66
N LYS A 224 25.29 2.82 -1.65
CA LYS A 224 25.68 1.49 -2.13
CA LYS A 224 25.69 1.51 -2.13
C LYS A 224 26.05 0.59 -0.96
C LYS A 224 26.06 0.59 -0.97
N GLU A 225 26.91 1.05 -0.06
CA GLU A 225 27.48 0.16 0.94
C GLU A 225 26.57 -0.08 2.14
N LYS A 226 25.84 0.94 2.57
CA LYS A 226 25.06 0.85 3.80
CA LYS A 226 25.05 0.84 3.79
C LYS A 226 23.57 0.66 3.55
N VAL A 227 23.09 0.90 2.33
CA VAL A 227 21.68 0.72 2.00
C VAL A 227 21.54 -0.49 1.11
N ILE A 228 22.04 -0.44 -0.13
CA ILE A 228 21.83 -1.54 -1.06
C ILE A 228 22.42 -2.83 -0.51
N LYS A 229 23.68 -2.81 -0.10
CA LYS A 229 24.28 -4.06 0.35
C LYS A 229 23.64 -4.59 1.63
N ALA A 230 22.99 -3.73 2.41
CA ALA A 230 22.32 -4.20 3.60
C ALA A 230 20.92 -4.73 3.33
N VAL A 231 20.43 -4.66 2.09
CA VAL A 231 19.07 -5.05 1.75
C VAL A 231 19.04 -6.15 0.70
N VAL A 232 19.81 -5.99 -0.38
CA VAL A 232 19.71 -6.86 -1.55
C VAL A 232 20.75 -7.96 -1.40
N PRO A 233 20.35 -9.23 -1.41
CA PRO A 233 21.32 -10.33 -1.34
C PRO A 233 22.37 -10.24 -2.45
N ALA A 234 23.62 -10.50 -2.07
CA ALA A 234 24.73 -10.37 -3.00
C ALA A 234 24.56 -11.30 -4.21
N LYS A 235 23.85 -12.42 -4.04
CA LYS A 235 23.66 -13.35 -5.15
C LYS A 235 22.90 -12.71 -6.30
N TYR A 236 22.18 -11.62 -6.07
CA TYR A 236 21.45 -10.93 -7.12
C TYR A 236 22.25 -9.80 -7.75
N LEU A 237 23.40 -9.43 -7.19
CA LEU A 237 24.15 -8.28 -7.64
C LEU A 237 25.43 -8.77 -8.31
N ASP A 238 25.82 -8.15 -9.40
CA ASP A 238 27.06 -8.55 -10.05
C ASP A 238 27.72 -7.33 -10.68
N GLU A 239 28.82 -7.58 -11.39
CA GLU A 239 29.59 -6.47 -11.92
C GLU A 239 28.83 -5.68 -12.97
N ASP A 240 27.77 -6.25 -13.53
CA ASP A 240 27.00 -5.55 -14.55
C ASP A 240 25.80 -4.77 -13.99
N THR A 241 25.45 -4.98 -12.71
CA THR A 241 24.32 -4.26 -12.14
C THR A 241 24.57 -2.76 -12.27
N ILE A 242 23.55 -2.04 -12.67
CA ILE A 242 23.61 -0.60 -12.89
C ILE A 242 23.04 0.11 -11.67
N TYR A 243 23.75 1.12 -11.17
CA TYR A 243 23.30 1.88 -10.02
C TYR A 243 23.11 3.34 -10.40
N HIS A 244 21.91 3.88 -10.14
CA HIS A 244 21.61 5.29 -10.32
C HIS A 244 21.30 5.83 -8.93
N LEU A 245 22.33 6.36 -8.27
CA LEU A 245 22.25 6.77 -6.88
C LEU A 245 22.34 8.30 -6.87
N GLN A 246 21.32 8.96 -6.32
CA GLN A 246 21.17 10.40 -6.39
C GLN A 246 21.35 10.87 -7.84
N PRO A 247 20.63 10.29 -8.80
CA PRO A 247 20.86 10.65 -10.21
C PRO A 247 20.52 12.08 -10.57
N SER A 248 19.69 12.76 -9.78
CA SER A 248 19.45 14.16 -10.08
C SER A 248 20.61 15.05 -9.68
N GLY A 249 21.54 14.56 -8.86
CA GLY A 249 22.67 15.34 -8.43
C GLY A 249 22.46 16.21 -7.21
N ARG A 250 21.23 16.58 -6.90
CA ARG A 250 20.95 17.44 -5.75
C ARG A 250 19.48 17.31 -5.40
N PHE A 251 19.20 17.06 -4.12
CA PHE A 251 17.84 16.83 -3.62
C PHE A 251 17.80 17.39 -2.20
N VAL A 252 18.05 18.69 -2.05
CA VAL A 252 17.95 19.36 -0.75
C VAL A 252 16.53 19.78 -0.46
N ILE A 253 15.89 20.38 -1.46
CA ILE A 253 14.46 20.68 -1.37
C ILE A 253 13.68 19.39 -1.56
N GLY A 254 12.79 19.08 -0.63
CA GLY A 254 12.05 17.84 -0.72
C GLY A 254 10.79 17.91 0.12
N GLY A 255 10.11 16.77 0.27
CA GLY A 255 8.83 16.75 0.93
C GLY A 255 7.85 17.59 0.14
N PRO A 256 6.77 18.04 0.80
CA PRO A 256 5.74 18.83 0.08
C PRO A 256 6.26 20.09 -0.56
N GLN A 257 7.37 20.63 -0.05
CA GLN A 257 7.94 21.82 -0.68
C GLN A 257 8.47 21.52 -2.08
N GLY A 258 9.04 20.33 -2.29
CA GLY A 258 9.53 19.98 -3.62
C GLY A 258 8.48 19.50 -4.60
N ASP A 259 7.35 19.01 -4.11
CA ASP A 259 6.36 18.33 -4.94
C ASP A 259 5.09 18.16 -4.15
N ALA A 260 3.96 18.62 -4.69
CA ALA A 260 2.69 18.42 -4.02
C ALA A 260 2.39 16.94 -3.84
N GLY A 261 1.78 16.63 -2.70
CA GLY A 261 1.32 15.30 -2.41
C GLY A 261 -0.19 15.25 -2.31
N LEU A 262 -0.76 14.10 -2.67
CA LEU A 262 -2.17 13.84 -2.56
C LEU A 262 -2.37 12.39 -2.11
N THR A 263 -3.44 12.14 -1.36
CA THR A 263 -3.81 10.76 -1.03
C THR A 263 -4.15 9.99 -2.30
N GLY A 264 -3.76 8.72 -2.32
CA GLY A 264 -4.20 7.84 -3.40
C GLY A 264 -3.48 8.03 -4.71
N ARG A 265 -2.24 8.53 -4.67
CA ARG A 265 -1.40 8.74 -5.85
C ARG A 265 -0.20 7.79 -5.87
N LYS A 266 -0.22 6.76 -5.04
CA LYS A 266 0.80 5.73 -5.00
C LYS A 266 0.15 4.36 -4.95
N ILE A 267 -0.88 4.15 -5.78
CA ILE A 267 -1.69 2.95 -5.65
C ILE A 267 -0.97 1.70 -6.13
N ILE A 268 0.02 1.85 -7.02
CA ILE A 268 0.79 0.71 -7.51
C ILE A 268 1.88 0.35 -6.50
N VAL A 269 2.52 1.35 -5.89
CA VAL A 269 3.39 1.14 -4.74
C VAL A 269 2.67 0.45 -3.60
N ASP A 270 1.39 0.80 -3.41
CA ASP A 270 0.62 0.24 -2.31
C ASP A 270 0.26 -1.23 -2.49
N THR A 271 0.36 -1.75 -3.72
CA THR A 271 -0.16 -3.07 -4.06
C THR A 271 0.98 -3.96 -4.51
N TYR A 272 1.19 -4.14 -5.81
CA TYR A 272 2.06 -5.19 -6.33
C TYR A 272 3.19 -4.67 -7.21
N GLY A 273 3.45 -3.37 -7.23
CA GLY A 273 4.54 -2.86 -8.03
C GLY A 273 4.38 -3.04 -9.51
N GLY A 274 3.14 -3.14 -9.97
CA GLY A 274 2.84 -3.29 -11.37
C GLY A 274 2.46 -4.69 -11.79
N TRP A 275 2.74 -5.69 -10.96
CA TRP A 275 2.36 -7.05 -11.24
C TRP A 275 0.88 -7.25 -10.98
N GLY A 276 0.33 -8.34 -11.50
CA GLY A 276 -1.08 -8.63 -11.28
C GLY A 276 -1.94 -7.68 -12.08
N ALA A 277 -2.73 -6.86 -11.40
CA ALA A 277 -3.57 -5.85 -12.03
C ALA A 277 -4.09 -4.93 -10.94
N HIS A 278 -4.64 -3.78 -11.36
CA HIS A 278 -5.18 -2.82 -10.43
C HIS A 278 -6.46 -2.23 -10.99
N GLY A 279 -7.46 -2.05 -10.13
CA GLY A 279 -8.72 -1.50 -10.56
C GLY A 279 -8.88 -0.01 -10.42
N GLY A 280 -7.91 0.67 -9.85
CA GLY A 280 -7.89 2.12 -9.82
C GLY A 280 -8.18 2.74 -8.48
N GLY A 281 -8.78 2.02 -7.56
CA GLY A 281 -9.19 2.62 -6.30
C GLY A 281 -8.04 2.74 -5.31
N ALA A 282 -8.02 3.85 -4.59
CA ALA A 282 -7.06 4.10 -3.53
C ALA A 282 -7.56 3.52 -2.22
N PHE A 283 -6.63 3.23 -1.32
CA PHE A 283 -6.96 2.61 -0.05
C PHE A 283 -7.11 3.60 1.10
N SER A 284 -6.22 4.57 1.23
CA SER A 284 -6.11 5.29 2.50
C SER A 284 -7.25 6.29 2.70
N GLY A 285 -7.62 6.46 3.97
CA GLY A 285 -8.65 7.40 4.35
C GLY A 285 -10.06 6.87 4.30
N LYS A 286 -10.24 5.57 4.06
CA LYS A 286 -11.55 4.99 3.80
C LYS A 286 -11.87 3.86 4.78
N ASP A 287 -13.09 3.87 5.32
CA ASP A 287 -13.60 2.80 6.16
C ASP A 287 -14.01 1.59 5.32
N TYR A 288 -14.38 0.50 6.00
CA TYR A 288 -14.57 -0.79 5.33
C TYR A 288 -15.70 -0.80 4.33
N THR A 289 -16.67 0.11 4.43
CA THR A 289 -17.75 0.08 3.46
C THR A 289 -17.28 0.53 2.08
N LYS A 290 -16.12 1.15 2.00
CA LYS A 290 -15.52 1.50 0.71
C LYS A 290 -14.76 0.28 0.20
N VAL A 291 -15.40 -0.44 -0.73
CA VAL A 291 -14.85 -1.67 -1.27
C VAL A 291 -13.53 -1.48 -2.01
N ASP A 292 -13.19 -0.25 -2.43
CA ASP A 292 -11.88 -0.03 -3.00
C ASP A 292 -10.79 -0.60 -2.09
N ARG A 293 -10.98 -0.47 -0.77
CA ARG A 293 -10.03 -1.02 0.17
C ARG A 293 -10.42 -2.44 0.62
N SER A 294 -11.61 -2.58 1.21
CA SER A 294 -11.97 -3.87 1.80
C SER A 294 -11.97 -5.01 0.81
N ALA A 295 -12.48 -4.78 -0.41
CA ALA A 295 -12.53 -5.86 -1.38
C ALA A 295 -11.15 -6.14 -1.98
N ALA A 296 -10.30 -5.12 -2.09
CA ALA A 296 -8.93 -5.39 -2.50
C ALA A 296 -8.19 -6.19 -1.45
N TYR A 297 -8.43 -5.89 -0.17
CA TYR A 297 -7.82 -6.68 0.89
C TYR A 297 -8.34 -8.11 0.85
N ALA A 298 -9.64 -8.28 0.66
CA ALA A 298 -10.19 -9.62 0.61
C ALA A 298 -9.68 -10.38 -0.60
N ALA A 299 -9.52 -9.69 -1.73
CA ALA A 299 -9.02 -10.36 -2.93
C ALA A 299 -7.58 -10.82 -2.77
N ARG A 300 -6.76 -10.01 -2.08
CA ARG A 300 -5.40 -10.43 -1.73
C ARG A 300 -5.46 -11.67 -0.85
N TRP A 301 -6.38 -11.68 0.12
CA TRP A 301 -6.52 -12.80 1.03
C TRP A 301 -6.89 -14.07 0.26
N VAL A 302 -7.81 -13.96 -0.70
CA VAL A 302 -8.16 -15.10 -1.53
C VAL A 302 -6.95 -15.59 -2.31
N ALA A 303 -6.26 -14.67 -3.00
CA ALA A 303 -5.11 -15.03 -3.83
C ALA A 303 -4.03 -15.71 -2.99
N LYS A 304 -3.71 -15.13 -1.84
CA LYS A 304 -2.68 -15.73 -1.00
C LYS A 304 -3.12 -17.08 -0.44
N SER A 305 -4.41 -17.23 -0.16
CA SER A 305 -4.93 -18.51 0.33
C SER A 305 -4.81 -19.61 -0.74
N LEU A 306 -5.03 -19.25 -2.01
CA LEU A 306 -4.90 -20.22 -3.08
C LEU A 306 -3.46 -20.67 -3.25
N VAL A 307 -2.51 -19.73 -3.15
CA VAL A 307 -1.10 -20.08 -3.31
C VAL A 307 -0.60 -20.85 -2.10
N LYS A 308 -0.86 -20.36 -0.89
CA LYS A 308 -0.42 -21.06 0.31
C LYS A 308 -1.13 -22.41 0.47
N GLY A 309 -2.32 -22.55 -0.08
CA GLY A 309 -3.04 -23.79 -0.08
C GLY A 309 -2.55 -24.79 -1.09
N GLY A 310 -1.56 -24.43 -1.90
CA GLY A 310 -1.00 -25.34 -2.88
C GLY A 310 -1.80 -25.52 -4.14
N LEU A 311 -2.79 -24.67 -4.39
CA LEU A 311 -3.64 -24.83 -5.56
C LEU A 311 -3.06 -24.16 -6.78
N CYS A 312 -2.13 -23.24 -6.60
N CYS A 312 -2.28 -23.08 -6.58
CA CYS A 312 -1.50 -22.58 -7.73
CA CYS A 312 -1.67 -22.29 -7.64
C CYS A 312 -0.27 -21.86 -7.22
C CYS A 312 -0.26 -21.92 -7.20
N ARG A 313 0.58 -21.50 -8.16
CA ARG A 313 1.82 -20.81 -7.86
C ARG A 313 1.72 -19.31 -8.06
N ARG A 314 0.73 -18.86 -8.82
CA ARG A 314 0.57 -17.45 -9.20
C ARG A 314 -0.89 -17.28 -9.58
N VAL A 315 -1.53 -16.23 -9.10
CA VAL A 315 -2.98 -16.12 -9.32
C VAL A 315 -3.40 -14.65 -9.22
N LEU A 316 -4.37 -14.30 -10.05
CA LEU A 316 -5.00 -12.99 -10.12
C LEU A 316 -6.51 -13.18 -9.98
N VAL A 317 -7.10 -12.44 -9.04
CA VAL A 317 -8.53 -12.47 -8.75
C VAL A 317 -9.09 -11.09 -9.07
N GLN A 318 -10.21 -11.03 -9.79
CA GLN A 318 -10.96 -9.79 -9.97
C GLN A 318 -12.31 -9.92 -9.28
N VAL A 319 -12.72 -8.86 -8.61
N VAL A 319 -12.75 -8.83 -8.65
CA VAL A 319 -14.09 -8.70 -8.16
CA VAL A 319 -14.08 -8.71 -8.07
C VAL A 319 -14.59 -7.34 -8.63
C VAL A 319 -14.60 -7.30 -8.35
N SER A 320 -15.90 -7.16 -8.60
CA SER A 320 -16.48 -5.86 -8.92
C SER A 320 -17.81 -5.71 -8.18
N TYR A 321 -18.23 -4.46 -8.02
CA TYR A 321 -19.40 -4.10 -7.22
C TYR A 321 -20.19 -2.99 -7.89
N ALA A 322 -21.45 -2.85 -7.44
CA ALA A 322 -22.29 -1.70 -7.71
C ALA A 322 -22.61 -1.03 -6.39
N ILE A 323 -22.63 0.30 -6.36
CA ILE A 323 -23.01 1.01 -5.13
C ILE A 323 -24.38 0.55 -4.67
N GLY A 324 -24.51 0.28 -3.37
CA GLY A 324 -25.77 -0.13 -2.78
C GLY A 324 -26.07 -1.60 -2.86
N VAL A 325 -25.26 -2.38 -3.56
CA VAL A 325 -25.50 -3.81 -3.75
C VAL A 325 -24.43 -4.57 -2.95
N SER A 326 -24.84 -5.55 -2.15
N SER A 326 -24.87 -5.53 -2.14
CA SER A 326 -23.89 -6.18 -1.24
CA SER A 326 -23.96 -6.24 -1.23
C SER A 326 -23.02 -7.24 -1.92
C SER A 326 -23.04 -7.19 -1.98
N HIS A 327 -23.62 -8.12 -2.72
CA HIS A 327 -22.82 -9.16 -3.37
C HIS A 327 -22.05 -8.60 -4.55
N PRO A 328 -20.83 -9.07 -4.76
CA PRO A 328 -20.10 -8.70 -5.99
C PRO A 328 -20.93 -9.00 -7.23
N LEU A 329 -20.77 -8.13 -8.23
CA LEU A 329 -21.38 -8.34 -9.54
CA LEU A 329 -21.39 -8.35 -9.53
C LEU A 329 -20.66 -9.41 -10.33
N SER A 330 -19.36 -9.56 -10.12
CA SER A 330 -18.52 -10.51 -10.84
C SER A 330 -17.38 -10.94 -9.92
N ILE A 331 -17.00 -12.21 -10.04
CA ILE A 331 -15.77 -12.73 -9.45
C ILE A 331 -15.10 -13.56 -10.54
N SER A 332 -13.79 -13.35 -10.73
CA SER A 332 -13.05 -14.02 -11.79
C SER A 332 -11.65 -14.35 -11.30
N ILE A 333 -11.07 -15.41 -11.86
CA ILE A 333 -9.78 -15.93 -11.41
CA ILE A 333 -9.77 -15.90 -11.42
C ILE A 333 -8.96 -16.33 -12.63
N PHE A 334 -7.67 -16.05 -12.59
CA PHE A 334 -6.74 -16.45 -13.64
C PHE A 334 -5.49 -16.97 -12.95
N HIS A 335 -5.07 -18.19 -13.29
CA HIS A 335 -3.94 -18.82 -12.59
C HIS A 335 -2.68 -18.93 -13.43
N TYR A 336 -2.64 -18.28 -14.60
CA TYR A 336 -1.42 -18.18 -15.41
C TYR A 336 -0.90 -19.53 -15.86
N GLY A 337 -1.73 -20.57 -15.81
CA GLY A 337 -1.30 -21.91 -16.11
C GLY A 337 -0.57 -22.60 -14.98
N THR A 338 -0.70 -22.12 -13.75
CA THR A 338 0.08 -22.66 -12.63
C THR A 338 -0.73 -23.55 -11.70
N SER A 339 -1.92 -23.99 -12.11
CA SER A 339 -2.74 -24.92 -11.35
C SER A 339 -3.11 -26.09 -12.24
N GLN A 340 -3.24 -27.27 -11.62
CA GLN A 340 -3.82 -28.39 -12.34
CA GLN A 340 -3.82 -28.40 -12.32
C GLN A 340 -5.33 -28.29 -12.44
N LYS A 341 -5.95 -27.46 -11.59
CA LYS A 341 -7.38 -27.22 -11.65
C LYS A 341 -7.69 -26.11 -12.65
N SER A 342 -8.83 -26.23 -13.30
CA SER A 342 -9.26 -25.16 -14.19
C SER A 342 -9.62 -23.91 -13.37
N GLU A 343 -9.64 -22.76 -14.04
CA GLU A 343 -10.11 -21.57 -13.38
C GLU A 343 -11.57 -21.72 -12.93
N ARG A 344 -12.38 -22.47 -13.69
CA ARG A 344 -13.75 -22.73 -13.27
C ARG A 344 -13.77 -23.44 -11.91
N GLU A 345 -12.93 -24.46 -11.76
CA GLU A 345 -12.84 -25.17 -10.49
C GLU A 345 -12.33 -24.27 -9.37
N LEU A 346 -11.31 -23.45 -9.63
CA LEU A 346 -10.83 -22.56 -8.58
C LEU A 346 -11.92 -21.58 -8.17
N LEU A 347 -12.69 -21.09 -9.12
CA LEU A 347 -13.74 -20.15 -8.79
C LEU A 347 -14.79 -20.80 -7.91
N GLU A 348 -15.12 -22.07 -8.18
CA GLU A 348 -16.04 -22.79 -7.31
C GLU A 348 -15.48 -22.93 -5.89
N ILE A 349 -14.18 -23.22 -5.77
CA ILE A 349 -13.54 -23.31 -4.45
C ILE A 349 -13.62 -21.96 -3.74
N VAL A 350 -13.37 -20.88 -4.47
CA VAL A 350 -13.45 -19.56 -3.86
C VAL A 350 -14.86 -19.28 -3.38
N LYS A 351 -15.86 -19.56 -4.22
CA LYS A 351 -17.24 -19.28 -3.82
C LYS A 351 -17.67 -20.09 -2.62
N LYS A 352 -17.16 -21.32 -2.47
CA LYS A 352 -17.48 -22.16 -1.34
C LYS A 352 -16.80 -21.74 -0.04
N ASN A 353 -15.71 -20.98 -0.13
CA ASN A 353 -14.90 -20.67 1.03
C ASN A 353 -14.91 -19.19 1.44
N PHE A 354 -15.35 -18.30 0.58
CA PHE A 354 -15.29 -16.87 0.87
C PHE A 354 -16.63 -16.23 0.57
N ASP A 355 -16.95 -15.21 1.35
CA ASP A 355 -18.14 -14.39 1.15
C ASP A 355 -17.63 -12.96 1.04
N LEU A 356 -17.71 -12.39 -0.16
CA LEU A 356 -17.08 -11.11 -0.46
C LEU A 356 -18.05 -9.95 -0.37
N ARG A 357 -19.16 -10.11 0.34
CA ARG A 357 -19.94 -8.97 0.73
C ARG A 357 -19.14 -8.11 1.71
N PRO A 358 -19.18 -6.78 1.58
CA PRO A 358 -18.40 -5.96 2.52
C PRO A 358 -18.77 -6.15 3.97
N GLY A 359 -20.04 -6.39 4.27
CA GLY A 359 -20.48 -6.64 5.63
C GLY A 359 -20.12 -7.99 6.17
N VAL A 360 -19.52 -8.87 5.37
CA VAL A 360 -18.89 -10.08 5.86
C VAL A 360 -17.38 -9.95 5.89
N ILE A 361 -16.80 -9.36 4.85
CA ILE A 361 -15.37 -9.06 4.86
C ILE A 361 -14.96 -8.34 6.14
N VAL A 362 -15.79 -7.40 6.61
CA VAL A 362 -15.43 -6.62 7.78
C VAL A 362 -15.22 -7.52 9.00
N ARG A 363 -16.05 -8.56 9.10
CA ARG A 363 -15.91 -9.50 10.20
CA ARG A 363 -15.92 -9.51 10.20
C ARG A 363 -14.69 -10.40 10.00
N ASP A 364 -14.51 -10.92 8.79
CA ASP A 364 -13.43 -11.86 8.56
C ASP A 364 -12.06 -11.20 8.73
N LEU A 365 -11.93 -9.93 8.31
CA LEU A 365 -10.66 -9.23 8.33
C LEU A 365 -10.56 -8.17 9.43
N ASP A 366 -11.57 -8.09 10.31
CA ASP A 366 -11.55 -7.23 11.50
C ASP A 366 -11.32 -5.76 11.11
N LEU A 367 -12.07 -5.29 10.11
CA LEU A 367 -11.77 -4.02 9.45
C LEU A 367 -12.31 -2.79 10.18
N LYS A 368 -12.92 -2.94 11.35
CA LYS A 368 -13.18 -1.79 12.20
C LYS A 368 -12.02 -1.47 13.12
N LYS A 369 -10.97 -2.31 13.15
CA LYS A 369 -9.90 -2.03 14.09
CA LYS A 369 -9.85 -2.09 14.06
C LYS A 369 -8.99 -0.94 13.55
N PRO A 370 -8.53 -0.04 14.42
CA PRO A 370 -7.73 1.12 13.96
C PRO A 370 -6.26 0.79 13.70
N ILE A 371 -6.00 -0.02 12.67
CA ILE A 371 -4.65 -0.43 12.31
C ILE A 371 -4.22 0.16 10.97
N TYR A 372 -4.98 1.09 10.45
CA TYR A 372 -4.78 1.50 9.08
C TYR A 372 -3.55 2.37 8.87
N GLN A 373 -3.17 3.22 9.82
CA GLN A 373 -1.96 4.02 9.58
C GLN A 373 -0.76 3.11 9.33
N ARG A 374 -0.74 1.93 9.96
N ARG A 374 -0.74 1.94 9.96
CA ARG A 374 0.36 1.00 9.74
CA ARG A 374 0.37 1.00 9.75
C ARG A 374 0.43 0.47 8.32
C ARG A 374 0.42 0.46 8.33
N THR A 375 -0.69 0.48 7.60
CA THR A 375 -0.70 -0.01 6.23
C THR A 375 -0.18 1.00 5.21
N ALA A 376 -0.04 2.27 5.59
CA ALA A 376 0.01 3.37 4.63
C ALA A 376 1.40 3.73 4.16
N ALA A 377 2.42 2.97 4.55
CA ALA A 377 3.74 3.05 3.94
C ALA A 377 4.31 1.64 3.83
N TYR A 378 5.13 1.43 2.81
CA TYR A 378 5.82 0.17 2.56
C TYR A 378 4.90 -0.94 2.04
N GLY A 379 3.75 -0.57 1.49
CA GLY A 379 2.82 -1.49 0.86
C GLY A 379 1.83 -2.06 1.85
N HIS A 380 0.63 -2.34 1.34
CA HIS A 380 -0.43 -2.89 2.17
C HIS A 380 -0.35 -4.39 2.27
N PHE A 381 0.45 -5.03 1.42
CA PHE A 381 0.49 -6.47 1.28
C PHE A 381 1.90 -7.02 1.49
N GLY A 382 1.97 -8.26 1.93
CA GLY A 382 3.24 -8.93 2.10
C GLY A 382 3.95 -8.69 3.40
N ARG A 383 3.30 -8.04 4.37
CA ARG A 383 3.95 -7.61 5.60
C ARG A 383 3.09 -7.86 6.83
N ASP A 384 3.75 -8.19 7.93
CA ASP A 384 3.26 -8.01 9.30
C ASP A 384 2.05 -8.87 9.67
N SER A 385 1.71 -9.87 8.88
CA SER A 385 0.63 -10.80 9.21
C SER A 385 -0.66 -10.06 9.58
N PHE A 386 -0.99 -9.00 8.81
CA PHE A 386 -2.33 -8.42 8.85
C PHE A 386 -3.34 -9.52 8.50
N PRO A 387 -4.63 -9.35 8.83
CA PRO A 387 -5.55 -10.48 8.63
C PRO A 387 -5.64 -10.99 7.21
N TRP A 388 -5.50 -10.10 6.21
CA TRP A 388 -5.57 -10.50 4.81
C TRP A 388 -4.31 -11.24 4.35
N GLU A 389 -3.29 -11.30 5.20
CA GLU A 389 -2.05 -12.02 4.92
C GLU A 389 -2.02 -13.39 5.59
N VAL A 390 -3.01 -13.73 6.40
CA VAL A 390 -3.08 -15.02 7.07
C VAL A 390 -3.98 -15.91 6.23
N PRO A 391 -3.45 -16.91 5.54
CA PRO A 391 -4.30 -17.63 4.59
C PRO A 391 -5.45 -18.37 5.28
N LYS A 392 -6.56 -18.46 4.57
CA LYS A 392 -7.68 -19.28 5.02
CA LYS A 392 -7.67 -19.28 5.03
C LYS A 392 -7.46 -20.72 4.58
N LYS A 393 -7.72 -21.65 5.51
CA LYS A 393 -7.67 -23.07 5.17
C LYS A 393 -8.89 -23.41 4.32
N LEU A 394 -8.67 -23.93 3.13
CA LEU A 394 -9.74 -24.10 2.15
C LEU A 394 -10.31 -25.51 2.20
N LYS A 395 -11.64 -25.59 2.07
CA LYS A 395 -12.34 -26.87 2.05
C LYS A 395 -12.88 -27.11 0.65
N TYR A 396 -12.60 -28.29 0.10
CA TYR A 396 -13.05 -28.65 -1.24
C TYR A 396 -12.74 -30.12 -1.44
CL CL B . 6.05 10.93 -7.25
C1 EDO C . 21.07 -8.86 2.04
C1 EDO C . 20.88 -9.26 2.35
O1 EDO C . 22.47 -8.96 1.82
O1 EDO C . 19.83 -10.09 2.86
C2 EDO C . 20.78 -8.30 3.43
C2 EDO C . 21.11 -8.12 3.33
O2 EDO C . 21.84 -8.63 4.33
O2 EDO C . 21.79 -8.59 4.50
H11 EDO C . 20.61 -9.85 1.95
H11 EDO C . 21.79 -9.85 2.23
H12 EDO C . 20.62 -8.21 1.29
H12 EDO C . 20.59 -8.87 1.37
HO1 EDO C . 22.64 -9.22 0.90
HO1 EDO C . 19.66 -10.81 2.23
H21 EDO C . 20.67 -7.22 3.37
H21 EDO C . 21.71 -7.34 2.85
H22 EDO C . 19.84 -8.72 3.80
H22 EDO C . 20.15 -7.68 3.61
HO2 EDO C . 21.65 -8.25 5.20
HO2 EDO C . 21.94 -7.85 5.10
C1 EDO D . 10.80 26.08 -5.58
C1 EDO D . 10.71 25.95 -3.22
O1 EDO D . 9.61 26.83 -5.38
O1 EDO D . 11.76 25.99 -2.25
C2 EDO D . 11.09 25.24 -4.33
C2 EDO D . 11.15 25.13 -4.43
O2 EDO D . 10.34 24.02 -4.40
O2 EDO D . 10.35 23.95 -4.53
H11 EDO D . 10.69 25.42 -6.45
H11 EDO D . 9.81 25.50 -2.78
H12 EDO D . 11.64 26.75 -5.77
H12 EDO D . 10.45 26.96 -3.53
HO1 EDO D . 9.43 27.37 -6.16
HO1 EDO D . 11.48 26.51 -1.49
H21 EDO D . 10.81 25.81 -3.44
H21 EDO D . 12.20 24.86 -4.34
H22 EDO D . 12.16 25.02 -4.27
H22 EDO D . 11.04 25.73 -5.34
HO2 EDO D . 10.50 23.51 -3.59
HO2 EDO D . 10.64 23.43 -5.29
C1 EDO E . -9.34 -29.54 1.58
O1 EDO E . -9.15 -30.23 0.35
C2 EDO E . -10.15 -30.43 2.50
O2 EDO E . -11.54 -30.23 2.23
H11 EDO E . -9.87 -28.60 1.41
H12 EDO E . -8.37 -29.29 2.04
HO1 EDO E . -8.48 -29.76 -0.18
H21 EDO E . -9.93 -30.20 3.54
H22 EDO E . -9.88 -31.48 2.32
HO2 EDO E . -12.06 -30.80 2.81
CL CL F . 1.48 -10.16 -13.55
C1 EDO G . 24.41 19.63 -3.16
O1 EDO G . 24.57 20.44 -4.33
C2 EDO G . 24.93 18.23 -3.49
O2 EDO G . 23.85 17.49 -4.02
H11 EDO G . 23.36 19.57 -2.88
H12 EDO G . 24.96 20.05 -2.32
HO1 EDO G . 24.83 21.33 -4.06
H21 EDO G . 25.32 17.76 -2.59
H22 EDO G . 25.74 18.30 -4.22
HO2 EDO G . 24.15 16.59 -4.24
N SAM H . 6.47 17.90 -9.49
CA SAM H . 7.83 17.79 -9.89
C SAM H . 8.21 18.99 -10.77
O SAM H . 9.02 18.77 -11.70
OXT SAM H . 7.72 20.09 -10.48
CB SAM H . 8.06 16.45 -10.60
CG SAM H . 7.89 15.31 -9.60
SD SAM H . 9.15 15.21 -8.23
CE SAM H . 10.58 14.70 -9.18
C5' SAM H . 8.48 13.67 -7.72
C4' SAM H . 9.14 13.06 -6.50
O4' SAM H . 10.56 12.91 -6.73
C3' SAM H . 9.02 13.88 -5.22
O3' SAM H . 7.82 13.61 -4.50
C2' SAM H . 10.24 13.42 -4.44
O2' SAM H . 10.02 12.15 -3.84
C1' SAM H . 11.26 13.24 -5.55
N9 SAM H . 12.08 14.42 -5.79
C8 SAM H . 11.83 15.74 -5.47
N7 SAM H . 12.85 16.54 -5.71
C5 SAM H . 13.82 15.69 -6.22
C6 SAM H . 15.15 15.92 -6.59
N6 SAM H . 15.75 17.12 -6.56
N1 SAM H . 15.88 14.85 -7.00
C2 SAM H . 15.29 13.65 -7.03
N3 SAM H . 14.04 13.33 -6.71
C4 SAM H . 13.36 14.40 -6.30
HN1 SAM H . 6.41 18.38 -8.61
HN2 SAM H . 5.88 17.47 -10.20
HA SAM H . 8.48 17.78 -9.01
HB1 SAM H . 9.06 16.45 -11.04
HB2 SAM H . 7.37 16.36 -11.43
HG1 SAM H . 7.89 14.39 -10.18
HG2 SAM H . 6.89 15.39 -9.19
HE1 SAM H . 10.94 15.49 -9.84
HE2 SAM H . 11.41 14.41 -8.54
HE3 SAM H . 10.35 13.83 -9.81
H5'1 SAM H . 7.42 13.83 -7.56
H5'2 SAM H . 8.54 13.01 -8.58
H4' SAM H . 8.78 12.05 -6.35
H3' SAM H . 9.03 14.95 -5.45
H2' SAM H . 10.49 14.16 -3.68
HO2' SAM H . 10.83 11.92 -3.31
H1' SAM H . 11.93 12.40 -5.35
H8 SAM H . 10.88 16.06 -5.07
HN61 SAM H . 15.22 17.96 -6.79
HN62 SAM H . 16.73 17.21 -6.30
H2 SAM H . 15.93 12.83 -7.36
C17 WBG I . 9.98 -11.71 -22.61
C21 WBG I . 5.26 -11.36 -18.56
C22 WBG I . 4.96 -10.05 -18.25
C24 WBG I . 6.95 -8.86 -18.95
C26 WBG I . 6.85 -6.60 -20.12
C28 WBG I . 4.85 -7.59 -18.99
C02 WBG I . 4.35 -13.60 -17.95
C03 WBG I . 5.37 -14.19 -18.83
C04 WBG I . 5.39 -15.64 -18.82
C05 WBG I . 5.75 -16.28 -17.63
C06 WBG I . 5.84 -17.66 -17.53
C07 WBG I . 5.61 -18.43 -18.64
C08 WBG I . 5.27 -17.84 -19.85
C09 WBG I . 5.18 -16.46 -19.92
C11 WBG I . 5.57 -20.55 -19.61
C12 WBG I . 6.24 -13.37 -19.46
C14 WBG I . 8.17 -13.10 -21.07
C16 WBG I . 8.97 -11.10 -21.91
C18 WBG I . 10.05 -13.13 -22.53
C19 WBG I . 9.14 -13.82 -21.75
C23 WBG I . 5.64 -8.83 -18.69
C25 WBG I . 7.71 -7.75 -19.55
C27 WBG I . 5.65 -6.35 -19.27
C29 WBG I . 3.86 -10.15 -17.33
C30 WBG I . 3.07 -9.13 -16.65
C31 WBG I . 3.67 -8.39 -15.63
C32 WBG I . 2.96 -7.38 -14.95
C33 WBG I . 1.64 -7.15 -15.27
C34 WBG I . 1.06 -7.89 -16.28
C35 WBG I . 1.76 -8.87 -16.95
N13 WBG I . 7.25 -13.81 -20.30
N15 WBG I . 8.07 -11.76 -21.17
N20 WBG I . 6.19 -11.99 -19.34
N36 WBG I . 3.50 -11.45 -17.14
N37 WBG I . 4.37 -12.18 -17.89
O01 WBG I . 3.48 -14.19 -17.34
O10 WBG I . 5.73 -19.78 -18.49
H171 WBG I . 10.70 -11.14 -23.21
H241 WBG I . 7.57 -9.73 -18.71
H262 WBG I . 6.56 -6.82 -21.17
H261 WBG I . 7.45 -5.68 -20.23
H282 WBG I . 4.16 -7.35 -18.15
H281 WBG I . 4.18 -7.75 -19.85
H051 WBG I . 5.97 -15.69 -16.73
H061 WBG I . 6.10 -18.14 -16.59
H081 WBG I . 5.10 -18.48 -20.72
H091 WBG I . 4.93 -16.03 -20.90
H112 WBG I . 5.77 -21.59 -19.28
H113 WBG I . 6.32 -20.16 -20.33
H111 WBG I . 4.53 -20.38 -19.93
H161 WBG I . 8.87 -10.00 -21.95
H181 WBG I . 10.83 -13.65 -23.10
H191 WBG I . 9.22 -14.90 -21.69
H251 WBG I . 8.36 -8.18 -20.34
H252 WBG I . 8.42 -7.36 -18.78
H271 WBG I . 5.95 -5.86 -18.32
H272 WBG I . 5.00 -5.59 -19.76
H311 WBG I . 4.71 -8.56 -15.33
H321 WBG I . 3.44 -6.78 -14.18
H331 WBG I . 1.08 -6.38 -14.73
H341 WBG I . 0.01 -7.68 -16.53
H351 WBG I . 1.23 -9.42 -17.73
H131 WBG I . 7.33 -14.81 -20.39
H201 WBG I . 6.84 -11.43 -19.85
#